data_2F8E
#
_entry.id   2F8E
#
_cell.length_a   94.381
_cell.length_b   94.381
_cell.length_c   99.726
_cell.angle_alpha   90.00
_cell.angle_beta   90.00
_cell.angle_gamma   120.00
#
_symmetry.space_group_name_H-M   'P 32 2 1'
#
loop_
_entity.id
_entity.type
_entity.pdbx_description
1 polymer 'RNA-dependent RNA polymerase'
2 polymer 'VPg protein'
3 non-polymer 'MAGNESIUM ION'
4 non-polymer 'MANGANESE (II) ION'
5 non-polymer "URIDINE-5'-MONOPHOSPHATE"
#
loop_
_entity_poly.entity_id
_entity_poly.type
_entity_poly.pdbx_seq_one_letter_code
_entity_poly.pdbx_strand_id
1 'polypeptide(L)'
;GLIVDTRDVEERVHVMRKTKLAPTVAHGVFNPEFGPAALSNKDPRLNEGVVLDEVIFSKHKGDTKMSAEDKALFRRCAAD
YASRLHSVLGTANAPLSIYEAIKGVDGLDAMEPDTAPGLPWALQGKRRGALIDFENGTVGPEVEAALKLMEKREYKFACQ
TFLKDEIRPMEKVRAGKTRIVDVLPVEHILYTRMMIGRFCAQMHSNNGPQIGSAVGCNPDVDWQRFGTHFAQYRNVWDVD
YSAFDANHCSDAMNIMFEEVFRTEFGFHPNAEWILKTLVNTEHAYENKRITVEGGMPSGCSATSIINTILNNIYVLYALR
RHYEGVELDTYTMISYGDDIVVASDYDLDFEALKPHFKSLGQTITPADKSDKGFVLGHSITDVTFLKRHFHMDYGTGFYK
PVMASKTLEAILSFARRGTIQEKLISVAGLAVHSGPDEYRRLFEPFQGLFEIPSYRSLYLRWVNAVCGDAAALE
;
X
2 'polypeptide(L)' GPYAGPLERQRPLKVKAKLPQAE A
#
# COMPACT_ATOMS: atom_id res chain seq x y z
N GLY A 1 -13.49 -2.59 -10.00
CA GLY A 1 -14.16 -3.78 -10.58
C GLY A 1 -15.55 -3.46 -11.08
N LEU A 2 -16.34 -4.51 -11.37
CA LEU A 2 -17.70 -4.35 -11.83
C LEU A 2 -18.69 -4.60 -10.69
N ILE A 3 -19.53 -3.61 -10.42
CA ILE A 3 -20.61 -3.76 -9.44
C ILE A 3 -21.76 -4.49 -10.13
N VAL A 4 -22.03 -5.71 -9.68
CA VAL A 4 -23.06 -6.54 -10.31
C VAL A 4 -24.47 -6.29 -9.75
N ASP A 5 -24.56 -5.90 -8.49
CA ASP A 5 -25.85 -5.62 -7.85
C ASP A 5 -25.74 -4.67 -6.65
N THR A 6 -26.62 -3.68 -6.63
CA THR A 6 -26.79 -2.79 -5.48
C THR A 6 -28.06 -3.21 -4.73
N ARG A 7 -27.91 -3.51 -3.44
CA ARG A 7 -29.01 -4.03 -2.64
C ARG A 7 -29.04 -3.48 -1.21
N ASP A 8 -30.22 -3.01 -0.82
CA ASP A 8 -30.48 -2.56 0.55
C ASP A 8 -31.38 -3.61 1.19
N VAL A 9 -30.85 -4.38 2.14
CA VAL A 9 -31.55 -5.58 2.61
C VAL A 9 -32.11 -5.56 4.05
N GLU A 10 -31.23 -5.59 5.05
CA GLU A 10 -31.66 -5.78 6.44
C GLU A 10 -30.97 -4.84 7.43
N GLU A 11 -29.68 -5.08 7.68
CA GLU A 11 -28.94 -4.37 8.71
C GLU A 11 -28.38 -3.04 8.23
N ARG A 12 -27.71 -2.32 9.14
CA ARG A 12 -27.13 -1.02 8.83
C ARG A 12 -25.78 -0.86 9.56
N VAL A 13 -24.69 -1.17 8.86
CA VAL A 13 -23.35 -1.09 9.42
C VAL A 13 -22.88 0.36 9.54
N HIS A 14 -23.06 0.93 10.73
CA HIS A 14 -22.66 2.31 11.01
C HIS A 14 -21.16 2.54 10.80
N VAL A 15 -20.84 3.32 9.77
CA VAL A 15 -19.46 3.67 9.46
C VAL A 15 -19.28 5.19 9.42
N MET A 16 -20.41 5.90 9.46
CA MET A 16 -20.43 7.36 9.57
C MET A 16 -19.82 7.79 10.90
N ARG A 17 -18.97 8.81 10.86
CA ARG A 17 -18.25 9.27 12.05
C ARG A 17 -17.66 10.67 11.90
N LYS A 18 -17.20 11.22 13.01
CA LYS A 18 -16.45 12.48 13.02
C LYS A 18 -14.96 12.17 13.09
N THR A 19 -14.16 13.02 12.47
CA THR A 19 -12.69 12.89 12.51
C THR A 19 -12.16 13.19 13.91
N LYS A 20 -11.20 12.38 14.36
CA LYS A 20 -10.53 12.63 15.63
C LYS A 20 -9.23 13.41 15.44
N LEU A 21 -8.96 13.83 14.20
CA LEU A 21 -7.83 14.70 13.89
C LEU A 21 -8.16 16.15 14.22
N ALA A 22 -7.41 16.72 15.16
CA ALA A 22 -7.60 18.10 15.59
C ALA A 22 -6.45 18.98 15.11
N PRO A 23 -6.75 20.23 14.70
CA PRO A 23 -5.71 21.17 14.29
C PRO A 23 -4.73 21.50 15.41
N THR A 24 -3.46 21.66 15.06
CA THR A 24 -2.41 21.97 16.04
C THR A 24 -1.99 23.44 15.96
N VAL A 25 -1.02 23.81 16.78
CA VAL A 25 -0.45 25.17 16.76
C VAL A 25 0.30 25.44 15.45
N ALA A 26 0.68 24.38 14.76
CA ALA A 26 1.35 24.46 13.46
C ALA A 26 0.40 24.92 12.36
N HIS A 27 -0.85 24.47 12.42
CA HIS A 27 -1.86 24.79 11.41
C HIS A 27 -2.06 26.30 11.21
N GLY A 28 -2.08 27.05 12.31
CA GLY A 28 -2.25 28.50 12.27
C GLY A 28 -1.08 29.23 11.65
N VAL A 29 0.10 28.62 11.70
CA VAL A 29 1.33 29.21 11.15
C VAL A 29 1.52 28.82 9.69
N PHE A 30 1.31 27.54 9.38
CA PHE A 30 1.56 27.02 8.03
C PHE A 30 0.37 27.17 7.08
N ASN A 31 -0.85 26.99 7.62
CA ASN A 31 -2.10 26.98 6.83
C ASN A 31 -2.00 26.14 5.55
N PRO A 32 -1.93 24.80 5.71
CA PRO A 32 -1.72 23.92 4.57
C PRO A 32 -2.95 23.78 3.68
N GLU A 33 -2.72 23.43 2.41
CA GLU A 33 -3.80 23.09 1.49
C GLU A 33 -4.28 21.67 1.75
N PHE A 34 -4.39 21.33 3.04
CA PHE A 34 -4.69 19.97 3.48
C PHE A 34 -5.67 19.99 4.65
N GLY A 35 -6.48 18.94 4.74
CA GLY A 35 -7.46 18.79 5.82
C GLY A 35 -7.93 17.35 5.96
N PRO A 36 -8.63 17.04 7.08
CA PRO A 36 -9.15 15.69 7.32
C PRO A 36 -10.17 15.26 6.27
N ALA A 37 -10.21 13.97 5.98
CA ALA A 37 -11.15 13.42 5.00
C ALA A 37 -12.59 13.54 5.48
N ALA A 38 -13.51 13.72 4.53
CA ALA A 38 -14.93 13.82 4.83
C ALA A 38 -15.47 12.45 5.24
N LEU A 39 -15.90 12.34 6.49
CA LEU A 39 -16.36 11.06 7.05
C LEU A 39 -17.87 11.05 7.28
N SER A 40 -18.55 12.07 6.77
CA SER A 40 -20.01 12.16 6.80
C SER A 40 -20.49 12.93 5.58
N ASN A 41 -21.52 12.41 4.92
CA ASN A 41 -22.06 13.00 3.68
C ASN A 41 -22.75 14.35 3.87
N LYS A 42 -22.78 14.85 5.10
CA LYS A 42 -23.36 16.17 5.41
C LYS A 42 -22.29 17.16 5.88
N ASP A 43 -21.03 16.90 5.50
CA ASP A 43 -19.91 17.79 5.81
C ASP A 43 -20.05 19.11 5.07
N PRO A 44 -19.95 20.25 5.80
CA PRO A 44 -20.09 21.58 5.21
C PRO A 44 -18.97 21.94 4.23
N ARG A 45 -17.83 21.25 4.33
CA ARG A 45 -16.67 21.51 3.47
C ARG A 45 -16.73 20.74 2.15
N LEU A 46 -17.80 19.98 1.94
CA LEU A 46 -18.03 19.27 0.68
C LEU A 46 -18.42 20.22 -0.44
N ASN A 47 -18.12 19.84 -1.67
CA ASN A 47 -18.54 20.61 -2.85
C ASN A 47 -20.05 20.51 -3.09
N GLU A 48 -20.57 21.51 -3.80
CA GLU A 48 -22.01 21.69 -4.05
C GLU A 48 -22.84 20.41 -4.16
N GLY A 49 -23.48 20.04 -3.06
CA GLY A 49 -24.43 18.92 -3.01
C GLY A 49 -23.93 17.57 -3.48
N VAL A 50 -22.62 17.37 -3.46
CA VAL A 50 -22.00 16.12 -3.90
C VAL A 50 -22.14 15.05 -2.82
N VAL A 51 -22.78 13.95 -3.17
CA VAL A 51 -23.00 12.83 -2.24
C VAL A 51 -21.70 12.05 -2.05
N LEU A 52 -21.35 11.82 -0.78
CA LEU A 52 -20.13 11.10 -0.42
C LEU A 52 -20.20 9.63 -0.82
N ASP A 53 -21.39 9.04 -0.70
CA ASP A 53 -21.64 7.64 -1.08
C ASP A 53 -21.44 7.44 -2.58
N GLU A 54 -21.88 8.43 -3.36
CA GLU A 54 -21.78 8.41 -4.82
C GLU A 54 -20.34 8.30 -5.32
N VAL A 55 -19.45 9.12 -4.74
CA VAL A 55 -18.06 9.22 -5.18
C VAL A 55 -17.21 8.03 -4.72
N ILE A 56 -17.44 7.57 -3.49
CA ILE A 56 -16.66 6.48 -2.89
C ILE A 56 -16.61 5.21 -3.74
N PHE A 57 -17.77 4.80 -4.26
CA PHE A 57 -17.86 3.55 -5.04
C PHE A 57 -17.81 3.79 -6.55
N SER A 58 -17.45 5.01 -6.95
CA SER A 58 -17.37 5.38 -8.37
C SER A 58 -16.03 4.99 -9.02
N LYS A 59 -15.12 4.44 -8.21
CA LYS A 59 -13.84 3.94 -8.70
C LYS A 59 -14.03 2.65 -9.51
N HIS A 60 -15.14 1.96 -9.26
CA HIS A 60 -15.49 0.74 -9.96
C HIS A 60 -16.02 1.05 -11.35
N LYS A 61 -15.11 1.16 -12.31
CA LYS A 61 -15.44 1.51 -13.69
C LYS A 61 -15.80 0.28 -14.52
N GLY A 62 -15.74 -0.90 -13.89
CA GLY A 62 -16.02 -2.17 -14.55
C GLY A 62 -14.89 -3.16 -14.42
N ASP A 63 -15.10 -4.35 -14.96
CA ASP A 63 -14.12 -5.42 -14.91
C ASP A 63 -13.65 -5.75 -16.33
N THR A 64 -12.45 -5.32 -16.67
CA THR A 64 -11.89 -5.47 -18.02
C THR A 64 -11.63 -6.94 -18.35
N LYS A 65 -12.28 -7.42 -19.40
CA LYS A 65 -12.14 -8.81 -19.82
C LYS A 65 -11.03 -8.97 -20.86
N MET A 66 -10.09 -9.85 -20.57
CA MET A 66 -8.94 -10.08 -21.43
C MET A 66 -9.20 -11.19 -22.44
N SER A 67 -8.64 -11.06 -23.64
CA SER A 67 -8.74 -12.07 -24.68
C SER A 67 -7.87 -13.28 -24.34
N ALA A 68 -8.13 -14.40 -25.02
CA ALA A 68 -7.38 -15.65 -24.80
C ALA A 68 -5.88 -15.50 -25.04
N GLU A 69 -5.53 -14.56 -25.92
CA GLU A 69 -4.13 -14.27 -26.24
C GLU A 69 -3.48 -13.36 -25.19
N ASP A 70 -4.25 -12.39 -24.70
CA ASP A 70 -3.81 -11.52 -23.60
C ASP A 70 -3.65 -12.31 -22.32
N LYS A 71 -4.56 -13.27 -22.10
CA LYS A 71 -4.51 -14.18 -20.95
C LYS A 71 -3.29 -15.09 -21.00
N ALA A 72 -2.99 -15.62 -22.18
CA ALA A 72 -1.83 -16.50 -22.38
C ALA A 72 -0.51 -15.74 -22.23
N LEU A 73 -0.51 -14.47 -22.60
CA LEU A 73 0.65 -13.60 -22.44
C LEU A 73 0.87 -13.23 -20.98
N PHE A 74 -0.21 -12.84 -20.30
CA PHE A 74 -0.16 -12.50 -18.87
C PHE A 74 0.30 -13.68 -18.03
N ARG A 75 -0.16 -14.87 -18.42
CA ARG A 75 0.23 -16.12 -17.75
C ARG A 75 1.73 -16.36 -17.84
N ARG A 76 2.29 -16.17 -19.04
CA ARG A 76 3.72 -16.33 -19.27
C ARG A 76 4.53 -15.37 -18.40
N CYS A 77 4.08 -14.11 -18.35
CA CYS A 77 4.73 -13.09 -17.53
C CYS A 77 4.59 -13.38 -16.04
N ALA A 78 3.43 -13.91 -15.65
CA ALA A 78 3.17 -14.28 -14.26
C ALA A 78 3.99 -15.49 -13.83
N ALA A 79 4.21 -16.42 -14.77
CA ALA A 79 5.03 -17.60 -14.53
C ALA A 79 6.52 -17.23 -14.49
N ASP A 80 6.91 -16.27 -15.32
CA ASP A 80 8.30 -15.81 -15.40
C ASP A 80 8.70 -15.00 -14.17
N TYR A 81 7.82 -14.12 -13.70
CA TYR A 81 8.06 -13.34 -12.50
C TYR A 81 8.05 -14.23 -11.25
N ALA A 82 7.12 -15.18 -11.21
CA ALA A 82 7.03 -16.15 -10.11
C ALA A 82 8.25 -17.07 -10.08
N SER A 83 8.82 -17.33 -11.26
CA SER A 83 10.05 -18.12 -11.38
C SER A 83 11.22 -17.37 -10.73
N ARG A 84 11.33 -16.08 -11.03
CA ARG A 84 12.32 -15.21 -10.40
C ARG A 84 12.06 -15.06 -8.91
N LEU A 85 10.79 -14.86 -8.57
CA LEU A 85 10.36 -14.65 -7.18
C LEU A 85 10.76 -15.82 -6.28
N HIS A 86 10.39 -17.04 -6.69
CA HIS A 86 10.63 -18.23 -5.89
C HIS A 86 12.05 -18.80 -6.02
N SER A 87 12.80 -18.31 -7.02
CA SER A 87 14.20 -18.69 -7.19
C SER A 87 15.10 -18.02 -6.16
N VAL A 88 14.70 -16.81 -5.74
CA VAL A 88 15.48 -16.02 -4.80
C VAL A 88 14.92 -16.11 -3.37
N LEU A 89 13.64 -16.45 -3.25
CA LEU A 89 12.98 -16.59 -1.94
C LEU A 89 13.01 -18.02 -1.41
N GLY A 90 13.13 -18.98 -2.32
CA GLY A 90 13.08 -20.40 -1.97
C GLY A 90 11.65 -20.93 -2.03
N THR A 91 11.50 -22.21 -1.73
CA THR A 91 10.18 -22.87 -1.78
C THR A 91 9.69 -23.31 -0.39
N ALA A 92 10.27 -22.72 0.65
CA ALA A 92 9.85 -22.98 2.02
C ALA A 92 8.59 -22.19 2.37
N ASN A 93 7.54 -22.40 1.59
CA ASN A 93 6.29 -21.68 1.74
C ASN A 93 5.18 -22.56 2.35
N ALA A 94 5.59 -23.41 3.29
CA ALA A 94 4.67 -24.29 4.00
C ALA A 94 3.71 -23.51 4.91
N PRO A 95 2.50 -24.04 5.14
CA PRO A 95 1.51 -23.39 6.02
C PRO A 95 2.07 -22.96 7.37
N LEU A 96 1.63 -21.79 7.82
CA LEU A 96 2.07 -21.23 9.09
C LEU A 96 1.13 -21.70 10.20
N SER A 97 1.68 -22.09 11.34
CA SER A 97 0.90 -22.57 12.47
C SER A 97 -0.02 -21.48 13.02
N ILE A 98 -1.13 -21.91 13.64
CA ILE A 98 -2.09 -21.01 14.28
C ILE A 98 -1.35 -20.00 15.16
N TYR A 99 -0.34 -20.50 15.88
CA TYR A 99 0.52 -19.69 16.76
C TYR A 99 1.29 -18.62 15.99
N GLU A 100 1.94 -19.03 14.90
CA GLU A 100 2.78 -18.13 14.10
C GLU A 100 1.96 -17.11 13.30
N ALA A 101 0.70 -17.44 13.04
CA ALA A 101 -0.23 -16.52 12.37
C ALA A 101 -0.56 -15.33 13.27
N ILE A 102 -0.61 -15.57 14.58
CA ILE A 102 -0.89 -14.53 15.55
C ILE A 102 0.38 -13.76 15.94
N LYS A 103 1.40 -14.50 16.36
CA LYS A 103 2.63 -13.92 16.89
C LYS A 103 3.56 -13.35 15.81
N GLY A 104 3.54 -13.95 14.63
CA GLY A 104 4.42 -13.54 13.54
C GLY A 104 5.83 -14.07 13.68
N VAL A 105 6.42 -14.46 12.55
CA VAL A 105 7.79 -14.97 12.52
C VAL A 105 8.80 -13.84 12.26
N ASP A 106 10.04 -14.22 11.97
CA ASP A 106 11.08 -13.25 11.62
C ASP A 106 10.77 -12.63 10.26
N GLY A 107 10.44 -11.35 10.26
CA GLY A 107 10.06 -10.62 9.05
C GLY A 107 8.62 -10.18 9.06
N LEU A 108 7.71 -11.12 9.33
CA LEU A 108 6.28 -10.84 9.39
C LEU A 108 5.87 -10.41 10.80
N ASP A 109 5.22 -9.25 10.90
CA ASP A 109 4.78 -8.70 12.17
C ASP A 109 3.59 -9.46 12.74
N ALA A 110 3.37 -9.30 14.05
CA ALA A 110 2.24 -9.91 14.75
C ALA A 110 0.93 -9.27 14.31
N MET A 111 -0.15 -10.05 14.33
CA MET A 111 -1.49 -9.54 14.05
C MET A 111 -1.91 -8.51 15.09
N GLU A 112 -2.65 -7.50 14.64
CA GLU A 112 -3.06 -6.38 15.51
C GLU A 112 -3.97 -6.85 16.64
N PRO A 113 -3.57 -6.56 17.90
CA PRO A 113 -4.28 -6.95 19.12
C PRO A 113 -5.76 -6.62 19.10
N ASP A 114 -6.11 -5.36 18.82
CA ASP A 114 -7.51 -4.94 18.75
C ASP A 114 -7.80 -3.86 17.70
N THR A 115 -7.95 -4.30 16.46
CA THR A 115 -8.49 -3.45 15.39
C THR A 115 -9.87 -3.98 15.00
N ALA A 116 -10.47 -3.39 13.97
CA ALA A 116 -11.79 -3.81 13.51
C ALA A 116 -11.83 -5.30 13.17
N PRO A 117 -12.70 -6.07 13.85
CA PRO A 117 -12.76 -7.52 13.69
C PRO A 117 -13.40 -7.99 12.38
N GLY A 118 -14.20 -7.13 11.76
CA GLY A 118 -14.89 -7.46 10.51
C GLY A 118 -16.30 -7.97 10.75
N LEU A 119 -16.75 -8.86 9.89
CA LEU A 119 -18.11 -9.42 9.96
C LEU A 119 -18.09 -10.93 10.20
N PRO A 120 -19.10 -11.46 10.92
CA PRO A 120 -20.24 -10.75 11.51
C PRO A 120 -19.99 -10.34 12.96
N TRP A 121 -18.73 -10.10 13.31
CA TRP A 121 -18.34 -9.81 14.69
C TRP A 121 -18.69 -8.38 15.11
N ALA A 122 -18.80 -7.48 14.14
CA ALA A 122 -19.24 -6.11 14.38
C ALA A 122 -20.76 -6.05 14.54
N LEU A 123 -21.46 -6.97 13.90
CA LEU A 123 -22.91 -7.11 14.02
C LEU A 123 -23.25 -7.98 15.23
N GLN A 124 -22.40 -7.89 16.24
CA GLN A 124 -22.46 -8.73 17.44
C GLN A 124 -21.91 -7.94 18.62
N GLY A 125 -21.06 -6.96 18.32
CA GLY A 125 -20.50 -6.06 19.33
C GLY A 125 -19.39 -6.69 20.15
N LYS A 126 -18.36 -7.20 19.47
CA LYS A 126 -17.20 -7.80 20.14
C LYS A 126 -15.86 -7.51 19.44
N ARG A 127 -14.78 -7.69 20.19
CA ARG A 127 -13.43 -7.32 19.76
C ARG A 127 -12.67 -8.48 19.11
N ARG A 128 -11.49 -8.17 18.58
CA ARG A 128 -10.52 -9.16 18.11
C ARG A 128 -10.05 -10.06 19.26
N GLY A 129 -9.85 -9.44 20.42
CA GLY A 129 -9.41 -10.14 21.63
C GLY A 129 -10.48 -11.05 22.22
N ALA A 130 -11.74 -10.71 21.97
CA ALA A 130 -12.88 -11.52 22.41
C ALA A 130 -13.06 -12.77 21.55
N LEU A 131 -12.31 -12.84 20.46
CA LEU A 131 -12.37 -13.95 19.53
C LEU A 131 -11.08 -14.76 19.49
N ILE A 132 -9.95 -14.08 19.66
CA ILE A 132 -8.63 -14.71 19.58
C ILE A 132 -7.75 -14.28 20.76
N ASP A 133 -7.09 -15.26 21.38
CA ASP A 133 -6.12 -14.98 22.42
C ASP A 133 -4.77 -14.57 21.80
N PHE A 134 -4.58 -13.27 21.63
CA PHE A 134 -3.38 -12.70 21.04
C PHE A 134 -2.17 -12.83 21.97
N GLU A 135 -2.43 -12.90 23.28
CA GLU A 135 -1.39 -13.09 24.27
C GLU A 135 -0.89 -14.53 24.23
N ASN A 136 -1.81 -15.47 24.03
CA ASN A 136 -1.47 -16.89 23.96
C ASN A 136 -0.85 -17.27 22.62
N GLY A 137 -1.68 -17.31 21.58
CA GLY A 137 -1.25 -17.73 20.25
C GLY A 137 -2.33 -18.53 19.52
N THR A 138 -3.39 -18.88 20.25
CA THR A 138 -4.52 -19.62 19.67
C THR A 138 -5.82 -18.82 19.72
N VAL A 139 -6.90 -19.43 19.25
CA VAL A 139 -8.15 -18.72 18.99
C VAL A 139 -9.29 -19.07 19.96
N GLY A 140 -10.50 -18.62 19.64
CA GLY A 140 -11.70 -18.93 20.41
C GLY A 140 -12.66 -19.85 19.65
N PRO A 141 -13.90 -19.98 20.14
CA PRO A 141 -14.90 -20.96 19.65
C PRO A 141 -15.23 -20.87 18.15
N GLU A 142 -15.76 -19.73 17.71
CA GLU A 142 -16.21 -19.57 16.33
C GLU A 142 -15.05 -19.46 15.33
N VAL A 143 -13.87 -19.08 15.83
CA VAL A 143 -12.70 -18.86 14.98
C VAL A 143 -12.04 -20.18 14.57
N GLU A 144 -11.89 -21.10 15.51
CA GLU A 144 -11.40 -22.46 15.19
C GLU A 144 -12.44 -23.25 14.41
N ALA A 145 -13.70 -22.82 14.50
CA ALA A 145 -14.77 -23.34 13.66
C ALA A 145 -14.63 -22.79 12.23
N ALA A 146 -14.52 -21.47 12.12
CA ALA A 146 -14.33 -20.78 10.84
C ALA A 146 -13.06 -21.26 10.13
N LEU A 147 -12.04 -21.61 10.92
CA LEU A 147 -10.81 -22.22 10.43
C LEU A 147 -11.11 -23.47 9.61
N LYS A 148 -12.02 -24.31 10.10
CA LYS A 148 -12.33 -25.59 9.44
C LYS A 148 -13.24 -25.46 8.22
N LEU A 149 -14.14 -24.48 8.22
CA LEU A 149 -14.96 -24.20 7.03
C LEU A 149 -14.14 -23.54 5.91
N MET A 150 -13.08 -22.84 6.29
CA MET A 150 -12.09 -22.32 5.33
C MET A 150 -11.23 -23.46 4.81
N GLU A 151 -10.88 -24.40 5.69
CA GLU A 151 -10.12 -25.59 5.33
C GLU A 151 -10.87 -26.47 4.33
N LYS A 152 -12.19 -26.51 4.45
CA LYS A 152 -13.04 -27.36 3.63
C LYS A 152 -13.66 -26.64 2.41
N ARG A 153 -13.12 -25.46 2.10
CA ARG A 153 -13.56 -24.64 0.94
C ARG A 153 -14.98 -24.07 1.09
N GLU A 154 -15.63 -24.36 2.22
CA GLU A 154 -17.04 -24.02 2.45
C GLU A 154 -17.28 -22.54 2.76
N TYR A 155 -16.25 -21.88 3.29
CA TYR A 155 -16.38 -20.54 3.87
C TYR A 155 -16.77 -19.44 2.89
N LYS A 156 -17.71 -18.59 3.32
CA LYS A 156 -18.13 -17.40 2.60
C LYS A 156 -18.23 -16.22 3.57
N PHE A 157 -17.89 -15.03 3.08
CA PHE A 157 -17.80 -13.84 3.95
C PHE A 157 -18.31 -12.56 3.30
N ALA A 158 -18.22 -11.47 4.05
CA ALA A 158 -18.56 -10.13 3.56
C ALA A 158 -17.55 -9.11 4.11
N CYS A 159 -17.06 -8.24 3.22
CA CYS A 159 -16.09 -7.21 3.58
C CYS A 159 -16.78 -5.99 4.19
N GLN A 160 -16.31 -5.58 5.36
CA GLN A 160 -16.83 -4.39 6.03
C GLN A 160 -16.10 -3.15 5.52
N THR A 161 -16.87 -2.18 5.03
CA THR A 161 -16.31 -0.97 4.43
C THR A 161 -16.10 0.13 5.47
N PHE A 162 -14.83 0.46 5.74
CA PHE A 162 -14.45 1.51 6.67
C PHE A 162 -14.15 2.83 5.97
N LEU A 163 -14.19 3.92 6.72
CA LEU A 163 -13.81 5.23 6.21
C LEU A 163 -12.44 5.64 6.76
N LYS A 164 -11.52 5.96 5.86
CA LYS A 164 -10.14 6.29 6.22
C LYS A 164 -10.06 7.69 6.84
N ASP A 165 -9.83 7.73 8.15
CA ASP A 165 -9.64 8.99 8.86
C ASP A 165 -8.19 9.45 8.70
N GLU A 166 -7.97 10.38 7.77
CA GLU A 166 -6.63 10.83 7.39
C GLU A 166 -6.62 12.25 6.85
N ILE A 167 -5.44 12.86 6.84
CA ILE A 167 -5.24 14.17 6.23
C ILE A 167 -5.12 14.00 4.72
N ARG A 168 -5.87 14.80 3.97
CA ARG A 168 -5.86 14.76 2.50
C ARG A 168 -5.80 16.17 1.91
N PRO A 169 -5.29 16.30 0.66
CA PRO A 169 -5.31 17.60 -0.02
C PRO A 169 -6.73 18.16 -0.12
N MET A 170 -6.88 19.45 0.16
CA MET A 170 -8.19 20.10 0.25
C MET A 170 -9.05 19.99 -1.00
N GLU A 171 -8.42 19.84 -2.17
CA GLU A 171 -9.15 19.61 -3.41
C GLU A 171 -9.87 18.25 -3.38
N LYS A 172 -9.17 17.24 -2.89
CA LYS A 172 -9.74 15.89 -2.76
C LYS A 172 -10.72 15.80 -1.60
N VAL A 173 -10.53 16.66 -0.60
CA VAL A 173 -11.46 16.75 0.54
C VAL A 173 -12.79 17.36 0.10
N ARG A 174 -12.70 18.48 -0.65
CA ARG A 174 -13.87 19.16 -1.20
C ARG A 174 -14.64 18.29 -2.20
N ALA A 175 -13.91 17.55 -3.02
CA ALA A 175 -14.51 16.63 -3.99
C ALA A 175 -15.12 15.40 -3.30
N GLY A 176 -14.76 15.19 -2.04
CA GLY A 176 -15.26 14.06 -1.26
C GLY A 176 -14.64 12.75 -1.68
N LYS A 177 -13.35 12.78 -2.01
CA LYS A 177 -12.62 11.60 -2.47
C LYS A 177 -11.99 10.82 -1.31
N THR A 178 -12.73 10.73 -0.21
CA THR A 178 -12.29 9.99 0.98
C THR A 178 -11.97 8.54 0.63
N ARG A 179 -10.75 8.12 0.92
CA ARG A 179 -10.30 6.75 0.68
C ARG A 179 -10.99 5.79 1.66
N ILE A 180 -11.10 4.53 1.27
CA ILE A 180 -11.81 3.54 2.07
C ILE A 180 -11.01 2.28 2.37
N VAL A 181 -11.25 1.70 3.54
CA VAL A 181 -10.63 0.44 3.95
C VAL A 181 -11.69 -0.66 3.95
N ASP A 182 -11.39 -1.77 3.28
CA ASP A 182 -12.27 -2.92 3.31
C ASP A 182 -11.78 -3.91 4.35
N VAL A 183 -12.26 -3.73 5.58
CA VAL A 183 -11.89 -4.60 6.70
C VAL A 183 -12.56 -5.95 6.56
N LEU A 184 -11.75 -6.98 6.33
CA LEU A 184 -12.24 -8.35 6.18
C LEU A 184 -12.36 -9.03 7.53
N PRO A 185 -13.25 -10.05 7.63
CA PRO A 185 -13.35 -10.89 8.82
C PRO A 185 -11.97 -11.31 9.33
N VAL A 186 -11.76 -11.21 10.64
CA VAL A 186 -10.46 -11.46 11.26
C VAL A 186 -9.93 -12.88 11.03
N GLU A 187 -10.85 -13.84 10.84
CA GLU A 187 -10.48 -15.23 10.54
C GLU A 187 -9.89 -15.37 9.13
N HIS A 188 -10.36 -14.54 8.20
CA HIS A 188 -9.81 -14.49 6.85
C HIS A 188 -8.37 -13.99 6.87
N ILE A 189 -8.15 -12.89 7.60
CA ILE A 189 -6.82 -12.31 7.78
C ILE A 189 -5.86 -13.33 8.40
N LEU A 190 -6.34 -14.03 9.43
CA LEU A 190 -5.58 -15.07 10.12
C LEU A 190 -5.18 -16.21 9.19
N TYR A 191 -6.15 -16.70 8.42
CA TYR A 191 -5.97 -17.87 7.55
C TYR A 191 -5.18 -17.55 6.28
N THR A 192 -5.28 -16.31 5.81
CA THR A 192 -4.52 -15.87 4.64
C THR A 192 -3.02 -15.95 4.93
N ARG A 193 -2.61 -15.37 6.05
CA ARG A 193 -1.20 -15.40 6.48
C ARG A 193 -0.80 -16.74 7.12
N MET A 194 -1.75 -17.67 7.21
CA MET A 194 -1.43 -19.06 7.50
C MET A 194 -0.94 -19.72 6.21
N MET A 195 -1.61 -19.40 5.11
CA MET A 195 -1.29 -19.96 3.80
C MET A 195 -0.07 -19.32 3.17
N ILE A 196 0.05 -18.00 3.29
CA ILE A 196 1.12 -17.25 2.61
C ILE A 196 2.03 -16.45 3.55
N GLY A 197 2.00 -16.80 4.84
CA GLY A 197 2.75 -16.08 5.87
C GLY A 197 4.26 -16.09 5.72
N ARG A 198 4.82 -17.27 5.51
CA ARG A 198 6.27 -17.43 5.33
C ARG A 198 6.74 -16.77 4.04
N PHE A 199 5.89 -16.83 3.01
CA PHE A 199 6.14 -16.16 1.73
C PHE A 199 6.22 -14.65 1.91
N CYS A 200 5.23 -14.09 2.61
CA CYS A 200 5.17 -12.67 2.90
C CYS A 200 6.35 -12.21 3.78
N ALA A 201 6.77 -13.09 4.70
CA ALA A 201 7.92 -12.84 5.55
C ALA A 201 9.22 -12.86 4.76
N GLN A 202 9.28 -13.72 3.74
CA GLN A 202 10.44 -13.82 2.86
C GLN A 202 10.51 -12.59 1.95
N MET A 203 9.34 -12.16 1.47
CA MET A 203 9.19 -10.96 0.65
C MET A 203 9.75 -9.72 1.34
N HIS A 204 9.41 -9.57 2.62
CA HIS A 204 9.87 -8.44 3.44
C HIS A 204 11.37 -8.45 3.67
N SER A 205 11.90 -9.63 4.01
CA SER A 205 13.31 -9.81 4.33
C SER A 205 14.21 -9.65 3.11
N ASN A 206 13.69 -9.99 1.94
CA ASN A 206 14.46 -9.92 0.69
C ASN A 206 14.13 -8.71 -0.18
N ASN A 207 13.45 -7.71 0.42
CA ASN A 207 13.04 -6.51 -0.31
C ASN A 207 14.17 -5.85 -1.08
N GLY A 208 13.87 -5.39 -2.29
CA GLY A 208 14.87 -4.77 -3.16
C GLY A 208 14.50 -4.82 -4.62
N PRO A 209 15.37 -4.28 -5.50
CA PRO A 209 15.12 -4.23 -6.95
C PRO A 209 15.16 -5.61 -7.63
N GLN A 210 15.73 -6.60 -6.96
CA GLN A 210 15.81 -7.96 -7.49
C GLN A 210 14.44 -8.64 -7.53
N ILE A 211 13.68 -8.55 -6.44
CA ILE A 211 12.32 -9.07 -6.39
C ILE A 211 11.30 -8.06 -6.90
N GLY A 212 11.73 -6.80 -7.03
CA GLY A 212 10.87 -5.72 -7.49
C GLY A 212 9.88 -5.27 -6.43
N SER A 213 10.28 -5.39 -5.16
CA SER A 213 9.41 -5.06 -4.04
C SER A 213 10.13 -4.24 -2.98
N ALA A 214 9.48 -3.17 -2.55
CA ALA A 214 9.99 -2.33 -1.46
C ALA A 214 9.20 -2.58 -0.17
N VAL A 215 8.37 -3.62 -0.19
CA VAL A 215 7.58 -3.98 0.98
C VAL A 215 8.49 -4.67 2.00
N GLY A 216 8.56 -4.10 3.20
CA GLY A 216 9.44 -4.58 4.26
C GLY A 216 10.65 -3.69 4.44
N CYS A 217 10.79 -2.69 3.57
CA CYS A 217 11.96 -1.80 3.58
C CYS A 217 11.94 -0.82 4.75
N ASN A 218 13.11 -0.32 5.09
CA ASN A 218 13.25 0.78 6.03
C ASN A 218 13.83 1.97 5.27
N PRO A 219 12.94 2.85 4.75
CA PRO A 219 13.33 3.97 3.88
C PRO A 219 14.48 4.82 4.42
N ASP A 220 14.62 4.83 5.75
CA ASP A 220 15.67 5.58 6.44
C ASP A 220 17.07 5.03 6.12
N VAL A 221 17.15 3.72 5.94
CA VAL A 221 18.42 3.03 5.70
C VAL A 221 18.52 2.44 4.29
N ASP A 222 17.38 2.08 3.72
CA ASP A 222 17.32 1.39 2.44
C ASP A 222 17.37 2.32 1.23
N TRP A 223 17.17 3.62 1.47
CA TRP A 223 17.30 4.63 0.42
C TRP A 223 18.68 4.70 -0.18
N GLN A 224 19.69 4.35 0.61
CA GLN A 224 21.08 4.30 0.13
C GLN A 224 21.26 3.11 -0.82
N ARG A 225 20.69 1.97 -0.44
CA ARG A 225 20.75 0.75 -1.25
C ARG A 225 19.96 0.90 -2.55
N PHE A 226 18.78 1.49 -2.46
CA PHE A 226 17.92 1.71 -3.63
C PHE A 226 18.48 2.80 -4.53
N GLY A 227 18.94 3.89 -3.92
CA GLY A 227 19.43 5.06 -4.65
C GLY A 227 20.62 4.79 -5.54
N THR A 228 21.52 3.92 -5.09
CA THR A 228 22.72 3.56 -5.86
C THR A 228 22.40 2.63 -7.04
N HIS A 229 21.42 1.75 -6.85
CA HIS A 229 21.02 0.79 -7.89
C HIS A 229 20.40 1.48 -9.10
N PHE A 230 19.51 2.43 -8.85
CA PHE A 230 18.77 3.11 -9.91
C PHE A 230 19.55 4.28 -10.55
N ALA A 231 20.67 4.64 -9.94
CA ALA A 231 21.52 5.71 -10.46
C ALA A 231 22.37 5.23 -11.65
N GLN A 232 22.59 3.93 -11.73
CA GLN A 232 23.41 3.32 -12.78
C GLN A 232 22.78 3.37 -14.17
N TYR A 233 21.45 3.50 -14.21
CA TYR A 233 20.69 3.37 -15.44
C TYR A 233 20.51 4.67 -16.22
N ARG A 234 20.32 4.52 -17.53
CA ARG A 234 20.17 5.64 -18.46
C ARG A 234 18.87 6.41 -18.24
N ASN A 235 17.77 5.68 -18.12
CA ASN A 235 16.44 6.28 -17.97
C ASN A 235 15.69 5.74 -16.75
N VAL A 236 15.10 6.65 -15.99
CA VAL A 236 14.29 6.29 -14.81
C VAL A 236 12.88 6.85 -14.97
N TRP A 237 11.87 6.05 -14.64
CA TRP A 237 10.48 6.47 -14.78
C TRP A 237 9.72 6.54 -13.45
N ASP A 238 8.81 7.51 -13.36
CA ASP A 238 7.96 7.70 -12.20
C ASP A 238 6.50 7.48 -12.61
N VAL A 239 6.08 6.22 -12.58
CA VAL A 239 4.76 5.83 -13.10
C VAL A 239 3.66 6.02 -12.05
N ASP A 240 2.48 6.45 -12.52
CA ASP A 240 1.35 6.74 -11.65
C ASP A 240 0.09 6.01 -12.13
N TYR A 241 -0.65 5.43 -11.19
CA TYR A 241 -1.87 4.68 -11.50
C TYR A 241 -3.13 5.39 -11.02
N SER A 242 -4.24 5.15 -11.71
CA SER A 242 -5.55 5.68 -11.32
C SER A 242 -6.39 4.56 -10.70
N ALA A 243 -6.57 4.63 -9.38
CA ALA A 243 -7.27 3.61 -8.59
C ALA A 243 -6.74 2.21 -8.91
N PHE A 244 -5.49 1.97 -8.51
CA PHE A 244 -4.77 0.73 -8.81
C PHE A 244 -5.44 -0.52 -8.27
N ASP A 245 -6.02 -0.41 -7.07
CA ASP A 245 -6.67 -1.53 -6.40
C ASP A 245 -7.96 -1.98 -7.09
N ALA A 246 -8.84 -1.01 -7.35
CA ALA A 246 -10.16 -1.29 -7.90
C ALA A 246 -10.14 -1.79 -9.34
N ASN A 247 -9.03 -1.52 -10.05
CA ASN A 247 -8.94 -1.82 -11.48
C ASN A 247 -8.20 -3.10 -11.85
N HIS A 248 -7.86 -3.93 -10.86
CA HIS A 248 -7.29 -5.25 -11.12
C HIS A 248 -8.39 -6.15 -11.68
N CYS A 249 -8.28 -6.51 -12.96
CA CYS A 249 -9.31 -7.33 -13.61
C CYS A 249 -9.28 -8.77 -13.12
N SER A 250 -10.45 -9.40 -13.09
CA SER A 250 -10.63 -10.76 -12.59
C SER A 250 -9.75 -11.78 -13.31
N ASP A 251 -9.53 -11.57 -14.60
CA ASP A 251 -8.65 -12.42 -15.39
C ASP A 251 -7.21 -12.35 -14.91
N ALA A 252 -6.71 -11.14 -14.68
CA ALA A 252 -5.34 -10.93 -14.20
C ALA A 252 -5.15 -11.39 -12.75
N MET A 253 -6.16 -11.17 -11.92
CA MET A 253 -6.13 -11.58 -10.51
C MET A 253 -6.06 -13.10 -10.38
N ASN A 254 -7.02 -13.79 -11.00
CA ASN A 254 -7.09 -15.25 -10.97
C ASN A 254 -5.86 -15.95 -11.52
N ILE A 255 -5.31 -15.43 -12.62
CA ILE A 255 -4.11 -15.98 -13.24
C ILE A 255 -2.87 -15.83 -12.36
N MET A 256 -2.69 -14.64 -11.77
CA MET A 256 -1.58 -14.39 -10.86
C MET A 256 -1.60 -15.34 -9.66
N PHE A 257 -2.78 -15.52 -9.08
CA PHE A 257 -2.97 -16.44 -7.96
C PHE A 257 -2.71 -17.89 -8.38
N GLU A 258 -3.05 -18.22 -9.63
CA GLU A 258 -2.84 -19.55 -10.19
C GLU A 258 -1.37 -19.85 -10.49
N GLU A 259 -0.60 -18.80 -10.79
CA GLU A 259 0.78 -18.97 -11.26
C GLU A 259 1.85 -18.75 -10.18
N VAL A 260 1.59 -17.82 -9.27
CA VAL A 260 2.54 -17.52 -8.19
C VAL A 260 2.37 -18.51 -7.03
N PHE A 261 1.13 -18.72 -6.60
CA PHE A 261 0.85 -19.51 -5.40
C PHE A 261 0.47 -20.95 -5.73
N ARG A 262 1.28 -21.59 -6.56
CA ARG A 262 1.10 -22.99 -6.94
C ARG A 262 1.58 -23.92 -5.82
N THR A 263 1.08 -25.15 -5.85
CA THR A 263 1.53 -26.20 -4.92
C THR A 263 2.95 -26.67 -5.26
N GLU A 264 3.36 -26.40 -6.50
CA GLU A 264 4.71 -26.73 -6.98
C GLU A 264 5.79 -25.94 -6.23
N PHE A 265 5.45 -24.73 -5.81
CA PHE A 265 6.38 -23.85 -5.10
C PHE A 265 6.30 -24.00 -3.57
N GLY A 266 5.58 -25.02 -3.12
CA GLY A 266 5.52 -25.36 -1.69
C GLY A 266 4.32 -24.83 -0.93
N PHE A 267 3.34 -24.29 -1.66
CA PHE A 267 2.12 -23.76 -1.04
C PHE A 267 1.08 -24.84 -0.80
N HIS A 268 0.21 -24.59 0.18
CA HIS A 268 -0.96 -25.43 0.43
C HIS A 268 -1.98 -25.20 -0.70
N PRO A 269 -2.68 -26.27 -1.13
CA PRO A 269 -3.72 -26.15 -2.17
C PRO A 269 -4.75 -25.03 -1.89
N ASN A 270 -4.85 -24.61 -0.64
CA ASN A 270 -5.77 -23.54 -0.24
C ASN A 270 -5.13 -22.14 -0.16
N ALA A 271 -3.94 -22.00 -0.73
CA ALA A 271 -3.30 -20.70 -0.87
C ALA A 271 -3.87 -19.96 -2.07
N GLU A 272 -4.09 -20.71 -3.15
CA GLU A 272 -4.72 -20.19 -4.36
C GLU A 272 -6.19 -19.84 -4.11
N TRP A 273 -6.87 -20.69 -3.35
CA TRP A 273 -8.30 -20.54 -3.07
C TRP A 273 -8.63 -19.31 -2.21
N ILE A 274 -7.91 -19.15 -1.10
CA ILE A 274 -8.16 -18.05 -0.14
C ILE A 274 -7.94 -16.67 -0.76
N LEU A 275 -7.03 -16.60 -1.73
CA LEU A 275 -6.75 -15.36 -2.44
C LEU A 275 -7.77 -15.12 -3.56
N LYS A 276 -8.31 -16.22 -4.11
CA LYS A 276 -9.35 -16.16 -5.14
C LYS A 276 -10.68 -15.63 -4.62
N THR A 277 -10.89 -15.73 -3.30
CA THR A 277 -12.11 -15.22 -2.66
C THR A 277 -12.16 -13.69 -2.67
N LEU A 278 -10.99 -13.07 -2.84
CA LEU A 278 -10.86 -11.62 -2.90
C LEU A 278 -11.30 -11.03 -4.24
N VAL A 279 -11.50 -11.90 -5.23
CA VAL A 279 -11.92 -11.48 -6.57
C VAL A 279 -13.37 -10.99 -6.57
N ASN A 280 -14.29 -11.86 -6.12
CA ASN A 280 -15.70 -11.53 -6.02
C ASN A 280 -16.10 -11.30 -4.56
N THR A 281 -16.23 -10.03 -4.18
CA THR A 281 -16.47 -9.65 -2.78
C THR A 281 -17.87 -9.08 -2.53
N GLU A 282 -18.30 -9.16 -1.28
CA GLU A 282 -19.54 -8.52 -0.82
C GLU A 282 -19.17 -7.40 0.15
N HIS A 283 -19.68 -6.21 -0.11
CA HIS A 283 -19.33 -5.03 0.68
C HIS A 283 -20.50 -4.46 1.49
N ALA A 284 -20.33 -4.41 2.80
CA ALA A 284 -21.34 -3.87 3.70
C ALA A 284 -21.06 -2.41 4.05
N TYR A 285 -21.81 -1.52 3.43
CA TYR A 285 -21.71 -0.09 3.69
C TYR A 285 -23.06 0.43 4.20
N GLU A 286 -23.15 0.59 5.52
CA GLU A 286 -24.40 0.93 6.21
C GLU A 286 -25.56 0.01 5.78
N ASN A 287 -26.62 0.59 5.23
CA ASN A 287 -27.77 -0.21 4.77
C ASN A 287 -27.49 -0.95 3.46
N LYS A 288 -26.49 -0.47 2.72
CA LYS A 288 -26.14 -1.04 1.42
C LYS A 288 -25.28 -2.30 1.55
N ARG A 289 -25.62 -3.30 0.74
CA ARG A 289 -24.78 -4.49 0.59
C ARG A 289 -24.53 -4.76 -0.90
N ILE A 290 -23.33 -4.39 -1.35
CA ILE A 290 -22.99 -4.40 -2.76
C ILE A 290 -21.95 -5.48 -3.12
N THR A 291 -22.28 -6.27 -4.14
CA THR A 291 -21.39 -7.32 -4.63
C THR A 291 -20.51 -6.77 -5.75
N VAL A 292 -19.19 -6.97 -5.62
CA VAL A 292 -18.22 -6.43 -6.57
C VAL A 292 -17.37 -7.54 -7.19
N GLU A 293 -17.40 -7.61 -8.53
CA GLU A 293 -16.54 -8.52 -9.29
C GLU A 293 -15.32 -7.76 -9.77
N GLY A 294 -14.14 -8.32 -9.53
CA GLY A 294 -12.89 -7.68 -9.93
C GLY A 294 -12.43 -6.62 -8.93
N GLY A 295 -11.16 -6.22 -9.06
CA GLY A 295 -10.54 -5.31 -8.10
C GLY A 295 -10.25 -6.04 -6.80
N MET A 296 -9.46 -5.42 -5.94
CA MET A 296 -9.13 -6.03 -4.66
C MET A 296 -9.39 -5.11 -3.48
N PRO A 297 -10.05 -5.64 -2.42
CA PRO A 297 -10.31 -4.91 -1.18
C PRO A 297 -9.05 -4.22 -0.63
N SER A 298 -9.12 -2.90 -0.51
CA SER A 298 -8.01 -2.09 -0.02
C SER A 298 -7.93 -2.13 1.51
N GLY A 299 -7.39 -3.22 2.04
CA GLY A 299 -7.24 -3.37 3.49
C GLY A 299 -7.05 -4.78 4.00
N CYS A 300 -7.05 -5.76 3.09
CA CYS A 300 -6.84 -7.16 3.46
C CYS A 300 -5.37 -7.42 3.84
N SER A 301 -5.10 -8.60 4.37
CA SER A 301 -3.74 -9.02 4.69
C SER A 301 -2.95 -9.26 3.42
N ALA A 302 -1.71 -8.75 3.41
CA ALA A 302 -0.80 -8.83 2.25
C ALA A 302 -1.31 -8.06 1.02
N THR A 303 -2.13 -7.04 1.25
CA THR A 303 -2.68 -6.21 0.17
C THR A 303 -1.60 -5.45 -0.60
N SER A 304 -0.55 -5.05 0.12
CA SER A 304 0.58 -4.34 -0.46
C SER A 304 1.46 -5.28 -1.28
N ILE A 305 1.57 -6.52 -0.81
CA ILE A 305 2.38 -7.55 -1.47
C ILE A 305 1.72 -8.03 -2.77
N ILE A 306 0.42 -8.29 -2.72
CA ILE A 306 -0.35 -8.72 -3.89
C ILE A 306 -0.30 -7.67 -5.02
N ASN A 307 -0.49 -6.41 -4.65
CA ASN A 307 -0.43 -5.30 -5.61
C ASN A 307 0.98 -5.07 -6.17
N THR A 308 1.99 -5.33 -5.34
CA THR A 308 3.39 -5.27 -5.77
C THR A 308 3.68 -6.34 -6.82
N ILE A 309 3.27 -7.58 -6.52
CA ILE A 309 3.41 -8.70 -7.45
C ILE A 309 2.69 -8.41 -8.77
N LEU A 310 1.47 -7.87 -8.69
CA LEU A 310 0.69 -7.49 -9.86
C LEU A 310 1.35 -6.38 -10.66
N ASN A 311 1.85 -5.35 -9.96
CA ASN A 311 2.55 -4.23 -10.58
C ASN A 311 3.80 -4.69 -11.34
N ASN A 312 4.49 -5.67 -10.77
CA ASN A 312 5.67 -6.28 -11.39
C ASN A 312 5.33 -7.05 -12.67
N ILE A 313 4.21 -7.78 -12.65
CA ILE A 313 3.76 -8.57 -13.80
C ILE A 313 3.18 -7.65 -14.89
N TYR A 314 2.56 -6.54 -14.46
CA TYR A 314 1.99 -5.57 -15.40
C TYR A 314 3.04 -4.95 -16.33
N VAL A 315 4.14 -4.49 -15.75
CA VAL A 315 5.24 -3.86 -16.50
C VAL A 315 5.84 -4.83 -17.52
N LEU A 316 6.03 -6.08 -17.08
CA LEU A 316 6.53 -7.14 -17.96
C LEU A 316 5.53 -7.50 -19.04
N TYR A 317 4.24 -7.51 -18.67
CA TYR A 317 3.15 -7.80 -19.61
C TYR A 317 3.03 -6.74 -20.71
N ALA A 318 3.09 -5.47 -20.31
CA ALA A 318 2.93 -4.35 -21.22
C ALA A 318 4.09 -4.22 -22.21
N LEU A 319 5.31 -4.40 -21.70
CA LEU A 319 6.52 -4.31 -22.53
C LEU A 319 6.60 -5.43 -23.56
N ARG A 320 6.15 -6.63 -23.17
CA ARG A 320 6.09 -7.77 -24.08
C ARG A 320 4.96 -7.64 -25.09
N ARG A 321 3.93 -6.87 -24.74
CA ARG A 321 2.79 -6.62 -25.62
C ARG A 321 3.12 -5.53 -26.66
N HIS A 322 4.26 -4.87 -26.49
CA HIS A 322 4.70 -3.81 -27.39
C HIS A 322 6.02 -4.12 -28.09
N TYR A 323 7.05 -4.46 -27.30
CA TYR A 323 8.39 -4.70 -27.82
C TYR A 323 8.70 -6.18 -28.08
N GLU A 324 9.78 -6.42 -28.81
CA GLU A 324 10.20 -7.78 -29.17
C GLU A 324 11.22 -8.36 -28.20
N GLY A 325 11.02 -9.62 -27.83
CA GLY A 325 11.94 -10.36 -26.96
C GLY A 325 12.32 -9.66 -25.66
N VAL A 326 11.30 -9.25 -24.90
CA VAL A 326 11.51 -8.55 -23.63
C VAL A 326 11.62 -9.56 -22.49
N GLU A 327 12.71 -9.47 -21.73
CA GLU A 327 12.95 -10.34 -20.60
C GLU A 327 12.94 -9.54 -19.29
N LEU A 328 13.15 -10.23 -18.17
CA LEU A 328 13.16 -9.59 -16.85
C LEU A 328 14.39 -8.72 -16.60
N ASP A 329 15.48 -9.02 -17.30
CA ASP A 329 16.73 -8.26 -17.17
C ASP A 329 16.84 -7.10 -18.16
N THR A 330 15.81 -6.93 -19.01
CA THR A 330 15.72 -5.82 -19.95
C THR A 330 15.55 -4.50 -19.19
N TYR A 331 14.79 -4.57 -18.09
CA TYR A 331 14.56 -3.43 -17.22
C TYR A 331 14.81 -3.81 -15.77
N THR A 332 14.70 -2.84 -14.87
CA THR A 332 14.69 -3.11 -13.43
C THR A 332 13.66 -2.20 -12.76
N MET A 333 13.00 -2.71 -11.74
CA MET A 333 11.96 -1.96 -11.04
C MET A 333 11.86 -2.30 -9.57
N ILE A 334 11.37 -1.33 -8.79
CA ILE A 334 10.97 -1.56 -7.41
C ILE A 334 9.61 -0.91 -7.18
N SER A 335 8.73 -1.63 -6.49
CA SER A 335 7.37 -1.16 -6.29
C SER A 335 6.82 -1.45 -4.90
N TYR A 336 6.03 -0.51 -4.39
CA TYR A 336 5.28 -0.69 -3.15
C TYR A 336 3.81 -0.42 -3.45
N GLY A 337 3.07 -1.50 -3.71
CA GLY A 337 1.67 -1.39 -4.11
C GLY A 337 1.53 -0.77 -5.48
N ASP A 338 1.16 0.51 -5.52
CA ASP A 338 1.07 1.26 -6.76
C ASP A 338 2.29 2.16 -7.01
N ASP A 339 2.94 2.57 -5.91
CA ASP A 339 4.22 3.29 -5.97
C ASP A 339 5.24 2.44 -6.72
N ILE A 340 5.89 3.05 -7.72
CA ILE A 340 6.75 2.30 -8.63
C ILE A 340 7.86 3.17 -9.23
N VAL A 341 9.07 2.61 -9.28
CA VAL A 341 10.21 3.24 -9.95
C VAL A 341 10.81 2.25 -10.94
N VAL A 342 10.73 2.60 -12.22
CA VAL A 342 11.24 1.74 -13.31
C VAL A 342 12.53 2.34 -13.86
N ALA A 343 13.46 1.46 -14.27
CA ALA A 343 14.72 1.89 -14.90
C ALA A 343 15.19 0.92 -15.97
N SER A 344 15.80 1.47 -17.02
CA SER A 344 16.35 0.70 -18.13
C SER A 344 17.38 1.52 -18.90
N ASP A 345 18.42 0.84 -19.40
CA ASP A 345 19.40 1.47 -20.28
C ASP A 345 18.80 1.69 -21.67
N TYR A 346 17.76 0.92 -21.98
CA TYR A 346 16.96 1.11 -23.20
C TYR A 346 16.11 2.36 -23.09
N ASP A 347 15.90 3.03 -24.21
CA ASP A 347 15.03 4.20 -24.28
C ASP A 347 13.59 3.75 -24.54
N LEU A 348 12.94 3.23 -23.50
CA LEU A 348 11.58 2.70 -23.60
C LEU A 348 10.55 3.84 -23.66
N ASP A 349 9.54 3.66 -24.50
CA ASP A 349 8.47 4.64 -24.64
C ASP A 349 7.25 4.22 -23.82
N PHE A 350 7.08 4.88 -22.68
CA PHE A 350 5.95 4.61 -21.79
C PHE A 350 4.67 5.32 -22.24
N GLU A 351 4.82 6.27 -23.17
CA GLU A 351 3.69 6.92 -23.82
C GLU A 351 2.96 5.96 -24.76
N ALA A 352 3.67 4.94 -25.22
CA ALA A 352 3.11 3.92 -26.10
C ALA A 352 2.55 2.74 -25.32
N LEU A 353 2.92 2.64 -24.04
CA LEU A 353 2.48 1.54 -23.17
C LEU A 353 1.10 1.77 -22.58
N LYS A 354 0.60 3.00 -22.68
CA LYS A 354 -0.73 3.40 -22.17
C LYS A 354 -1.85 2.38 -22.47
N PRO A 355 -2.09 2.07 -23.77
CA PRO A 355 -3.19 1.16 -24.12
C PRO A 355 -2.93 -0.30 -23.74
N HIS A 356 -1.66 -0.68 -23.63
CA HIS A 356 -1.28 -2.03 -23.19
C HIS A 356 -1.57 -2.22 -21.71
N PHE A 357 -1.57 -1.13 -20.95
CA PHE A 357 -2.03 -1.12 -19.57
C PHE A 357 -3.55 -1.04 -19.50
N LYS A 358 -4.16 -0.43 -20.53
CA LYS A 358 -5.61 -0.33 -20.64
C LYS A 358 -6.28 -1.67 -20.95
N SER A 359 -5.50 -2.59 -21.54
CA SER A 359 -5.97 -3.96 -21.77
C SER A 359 -6.16 -4.72 -20.46
N LEU A 360 -5.49 -4.24 -19.42
CA LEU A 360 -5.65 -4.75 -18.05
C LEU A 360 -6.72 -3.95 -17.32
N GLY A 361 -6.96 -2.72 -17.77
CA GLY A 361 -7.91 -1.81 -17.15
C GLY A 361 -7.22 -0.75 -16.30
N GLN A 362 -5.90 -0.66 -16.44
CA GLN A 362 -5.10 0.30 -15.67
C GLN A 362 -4.71 1.49 -16.53
N THR A 363 -4.75 2.69 -15.94
CA THR A 363 -4.37 3.91 -16.63
C THR A 363 -3.06 4.45 -16.07
N ILE A 364 -2.03 4.46 -16.91
CA ILE A 364 -0.71 4.96 -16.51
C ILE A 364 -0.52 6.42 -16.94
N THR A 365 -0.20 7.26 -15.96
CA THR A 365 0.14 8.66 -16.20
C THR A 365 1.50 8.95 -15.55
N PRO A 366 2.22 9.96 -16.05
CA PRO A 366 3.45 10.35 -15.34
C PRO A 366 3.11 11.04 -14.02
N ALA A 367 3.79 10.62 -12.94
CA ALA A 367 3.58 11.21 -11.62
C ALA A 367 3.90 12.71 -11.63
N ASP A 368 4.96 13.07 -12.34
CA ASP A 368 5.25 14.46 -12.65
C ASP A 368 4.23 14.92 -13.69
N LYS A 369 3.20 15.61 -13.20
CA LYS A 369 1.99 15.92 -13.98
C LYS A 369 2.20 16.82 -15.22
N SER A 370 3.39 17.40 -15.32
CA SER A 370 3.72 18.34 -16.40
C SER A 370 3.49 17.73 -17.79
N ASP A 371 2.60 18.37 -18.55
CA ASP A 371 2.15 17.92 -19.88
C ASP A 371 1.70 16.46 -19.99
N LYS A 372 1.70 15.76 -18.86
CA LYS A 372 1.34 14.33 -18.76
C LYS A 372 1.89 13.47 -19.91
N GLY A 373 3.15 13.71 -20.27
CA GLY A 373 3.82 12.97 -21.32
C GLY A 373 5.05 12.27 -20.80
N PHE A 374 5.08 10.94 -20.90
CA PHE A 374 6.22 10.15 -20.46
C PHE A 374 7.48 10.50 -21.23
N VAL A 375 8.28 11.38 -20.64
CA VAL A 375 9.54 11.83 -21.23
C VAL A 375 10.70 10.93 -20.83
N LEU A 376 11.82 11.07 -21.54
CA LEU A 376 13.02 10.26 -21.33
C LEU A 376 14.10 11.05 -20.58
N GLY A 377 15.04 10.34 -19.99
CA GLY A 377 16.22 10.95 -19.39
C GLY A 377 16.16 11.21 -17.90
N HIS A 378 14.97 11.12 -17.31
CA HIS A 378 14.79 11.33 -15.88
C HIS A 378 15.71 10.46 -15.04
N SER A 379 16.28 11.05 -13.99
CA SER A 379 17.23 10.36 -13.11
C SER A 379 16.56 9.94 -11.80
N ILE A 380 17.37 9.40 -10.88
CA ILE A 380 16.89 8.95 -9.58
C ILE A 380 16.49 10.13 -8.69
N THR A 381 17.10 11.29 -8.93
CA THR A 381 16.83 12.50 -8.17
C THR A 381 15.67 13.32 -8.77
N ASP A 382 14.75 12.62 -9.44
CA ASP A 382 13.58 13.26 -10.05
C ASP A 382 12.28 12.59 -9.59
N VAL A 383 12.36 11.32 -9.23
CA VAL A 383 11.19 10.50 -8.89
C VAL A 383 10.73 10.68 -7.44
N THR A 384 9.45 10.40 -7.21
CA THR A 384 8.87 10.42 -5.87
C THR A 384 8.38 9.02 -5.49
N PHE A 385 9.17 8.32 -4.68
CA PHE A 385 8.84 6.98 -4.25
C PHE A 385 8.52 6.96 -2.76
N LEU A 386 7.33 6.45 -2.42
CA LEU A 386 6.82 6.42 -1.04
C LEU A 386 6.76 7.82 -0.40
N LYS A 387 6.34 8.80 -1.19
CA LYS A 387 6.27 10.22 -0.79
C LYS A 387 7.66 10.79 -0.44
N ARG A 388 8.70 10.02 -0.74
CA ARG A 388 10.07 10.39 -0.40
C ARG A 388 10.92 10.59 -1.65
N HIS A 389 11.56 11.74 -1.71
CA HIS A 389 12.44 12.10 -2.82
C HIS A 389 13.86 11.62 -2.53
N PHE A 390 14.55 11.16 -3.58
CA PHE A 390 15.92 10.66 -3.44
C PHE A 390 16.95 11.78 -3.50
N HIS A 391 17.64 12.00 -2.39
CA HIS A 391 18.59 13.10 -2.26
C HIS A 391 19.94 12.66 -1.70
N MET A 392 21.01 13.12 -2.33
CA MET A 392 22.36 12.90 -1.85
C MET A 392 22.64 13.82 -0.66
N ASP A 393 22.98 13.22 0.48
CA ASP A 393 23.33 13.98 1.67
C ASP A 393 24.72 14.59 1.51
N TYR A 394 24.81 15.91 1.70
CA TYR A 394 26.04 16.65 1.47
C TYR A 394 27.05 16.52 2.61
N GLY A 395 26.62 15.89 3.71
CA GLY A 395 27.48 15.67 4.86
C GLY A 395 28.23 14.35 4.81
N THR A 396 27.51 13.27 4.53
CA THR A 396 28.08 11.93 4.53
C THR A 396 28.30 11.35 3.13
N GLY A 397 27.45 11.74 2.19
CA GLY A 397 27.53 11.25 0.81
C GLY A 397 26.57 10.10 0.54
N PHE A 398 25.60 9.91 1.41
CA PHE A 398 24.61 8.85 1.28
C PHE A 398 23.26 9.40 0.84
N TYR A 399 22.42 8.52 0.28
CA TYR A 399 21.06 8.90 -0.10
C TYR A 399 20.15 9.03 1.12
N LYS A 400 19.33 10.06 1.12
CA LYS A 400 18.38 10.31 2.22
C LYS A 400 16.97 10.61 1.69
N PRO A 401 15.94 10.12 2.41
CA PRO A 401 14.57 10.31 1.95
C PRO A 401 13.98 11.64 2.43
N VAL A 402 13.89 12.61 1.51
CA VAL A 402 13.34 13.92 1.84
C VAL A 402 11.87 14.02 1.39
N MET A 403 11.01 14.41 2.32
CA MET A 403 9.62 14.70 2.00
C MET A 403 9.47 16.18 1.72
N ALA A 404 8.58 16.52 0.79
CA ALA A 404 8.30 17.91 0.45
C ALA A 404 7.81 18.65 1.70
N SER A 405 8.35 19.85 1.91
CA SER A 405 8.05 20.65 3.10
C SER A 405 6.56 20.90 3.29
N LYS A 406 5.82 20.98 2.18
CA LYS A 406 4.36 21.17 2.21
C LYS A 406 3.64 19.96 2.81
N THR A 407 4.17 18.77 2.53
CA THR A 407 3.65 17.53 3.07
C THR A 407 3.92 17.42 4.58
N LEU A 408 5.15 17.76 4.98
CA LEU A 408 5.54 17.74 6.40
C LEU A 408 4.79 18.79 7.23
N GLU A 409 4.43 19.89 6.58
CA GLU A 409 3.57 20.91 7.19
C GLU A 409 2.16 20.36 7.42
N ALA A 410 1.71 19.50 6.51
CA ALA A 410 0.38 18.91 6.55
C ALA A 410 0.24 17.87 7.68
N ILE A 411 1.28 17.07 7.88
CA ILE A 411 1.29 16.05 8.94
C ILE A 411 1.27 16.70 10.32
N LEU A 412 2.07 17.75 10.48
CA LEU A 412 2.22 18.43 11.76
C LEU A 412 1.03 19.33 12.12
N SER A 413 0.33 19.80 11.09
CA SER A 413 -0.83 20.68 11.27
C SER A 413 -2.03 19.98 11.90
N PHE A 414 -2.14 18.67 11.67
CA PHE A 414 -3.25 17.88 12.19
C PHE A 414 -2.78 16.65 12.95
N ALA A 415 -3.30 16.48 14.16
CA ALA A 415 -3.01 15.31 14.98
C ALA A 415 -4.18 15.02 15.92
N ARG A 416 -4.39 13.74 16.22
CA ARG A 416 -5.41 13.35 17.19
C ARG A 416 -5.04 13.84 18.59
N ARG A 417 -6.05 14.15 19.40
CA ARG A 417 -5.87 14.80 20.69
C ARG A 417 -5.01 14.00 21.69
N GLY A 418 -3.99 14.66 22.23
CA GLY A 418 -3.10 14.06 23.22
C GLY A 418 -2.07 13.11 22.65
N THR A 419 -1.68 13.35 21.39
CA THR A 419 -0.71 12.49 20.70
C THR A 419 0.44 13.34 20.16
N ILE A 420 0.24 14.66 20.18
CA ILE A 420 1.18 15.65 19.63
C ILE A 420 2.64 15.31 19.91
N GLN A 421 2.97 15.12 21.19
CA GLN A 421 4.34 14.87 21.63
C GLN A 421 4.98 13.63 20.97
N GLU A 422 4.25 12.52 20.94
CA GLU A 422 4.76 11.29 20.34
C GLU A 422 4.81 11.37 18.81
N LYS A 423 3.89 12.13 18.23
CA LYS A 423 3.87 12.38 16.79
C LYS A 423 4.97 13.34 16.37
N LEU A 424 5.30 14.29 17.23
CA LEU A 424 6.41 15.23 16.99
C LEU A 424 7.76 14.51 16.97
N ILE A 425 7.89 13.48 17.82
CA ILE A 425 9.08 12.62 17.84
C ILE A 425 9.14 11.78 16.56
N SER A 426 7.99 11.22 16.17
CA SER A 426 7.88 10.35 15.00
C SER A 426 8.11 11.09 13.68
N VAL A 427 7.51 12.28 13.55
CA VAL A 427 7.64 13.10 12.34
C VAL A 427 9.03 13.75 12.26
N ALA A 428 9.65 13.99 13.41
CA ALA A 428 11.00 14.53 13.47
C ALA A 428 12.02 13.61 12.81
N GLY A 429 11.78 12.31 12.90
CA GLY A 429 12.61 11.30 12.23
C GLY A 429 12.45 11.36 10.71
N LEU A 430 11.30 11.84 10.26
CA LEU A 430 11.03 12.01 8.83
C LEU A 430 11.52 13.36 8.31
N ALA A 431 11.52 14.36 9.19
CA ALA A 431 11.83 15.74 8.81
C ALA A 431 13.32 16.10 8.87
N VAL A 432 14.11 15.25 9.51
CA VAL A 432 15.55 15.49 9.70
C VAL A 432 16.33 15.60 8.38
N HIS A 433 15.81 14.97 7.32
CA HIS A 433 16.48 14.95 6.02
C HIS A 433 16.26 16.22 5.20
N SER A 434 15.28 17.02 5.60
CA SER A 434 14.96 18.27 4.91
C SER A 434 16.00 19.37 5.12
N GLY A 435 16.96 19.13 6.01
CA GLY A 435 18.01 20.09 6.33
C GLY A 435 17.88 20.66 7.72
N PRO A 436 18.95 21.31 8.22
CA PRO A 436 18.94 21.89 9.57
C PRO A 436 18.01 23.09 9.71
N ASP A 437 17.91 23.88 8.63
CA ASP A 437 17.12 25.11 8.63
C ASP A 437 15.62 24.81 8.51
N GLU A 438 15.28 23.87 7.62
CA GLU A 438 13.90 23.49 7.39
C GLU A 438 13.32 22.76 8.60
N TYR A 439 14.13 21.91 9.23
CA TYR A 439 13.78 21.23 10.47
C TYR A 439 13.38 22.23 11.55
N ARG A 440 14.13 23.33 11.61
CA ARG A 440 13.87 24.42 12.56
C ARG A 440 12.53 25.10 12.29
N ARG A 441 12.29 25.44 11.02
CA ARG A 441 11.06 26.12 10.60
C ARG A 441 9.82 25.24 10.78
N LEU A 442 9.95 23.96 10.44
CA LEU A 442 8.85 23.00 10.54
C LEU A 442 8.40 22.77 11.98
N PHE A 443 9.32 22.94 12.93
CA PHE A 443 9.04 22.71 14.35
C PHE A 443 9.03 24.00 15.18
N GLU A 444 9.16 25.14 14.50
CA GLU A 444 9.18 26.45 15.14
C GLU A 444 7.96 26.77 16.02
N PRO A 445 6.73 26.45 15.55
CA PRO A 445 5.54 26.74 16.38
C PRO A 445 5.43 25.90 17.66
N PHE A 446 6.26 24.87 17.80
CA PHE A 446 6.16 23.93 18.92
C PHE A 446 7.13 24.21 20.09
N GLN A 447 7.97 25.22 19.94
CA GLN A 447 8.99 25.54 20.94
C GLN A 447 8.40 26.13 22.21
N GLY A 448 8.83 25.61 23.35
CA GLY A 448 8.30 26.02 24.66
C GLY A 448 7.08 25.24 25.08
N LEU A 449 6.46 24.55 24.12
CA LEU A 449 5.25 23.77 24.36
C LEU A 449 5.55 22.27 24.45
N PHE A 450 6.42 21.79 23.57
CA PHE A 450 6.75 20.37 23.49
C PHE A 450 8.25 20.12 23.37
N GLU A 451 8.65 18.87 23.61
CA GLU A 451 10.04 18.46 23.45
C GLU A 451 10.35 18.18 21.98
N ILE A 452 11.29 18.94 21.42
CA ILE A 452 11.73 18.75 20.04
C ILE A 452 13.16 18.22 20.06
N PRO A 453 13.39 17.04 19.44
CA PRO A 453 14.73 16.47 19.38
C PRO A 453 15.67 17.38 18.59
N SER A 454 16.83 17.69 19.17
CA SER A 454 17.82 18.53 18.49
C SER A 454 18.21 17.90 17.16
N TYR A 455 18.29 18.72 16.12
CA TYR A 455 18.62 18.26 14.76
C TYR A 455 19.83 17.31 14.74
N ARG A 456 20.78 17.57 15.63
CA ARG A 456 22.01 16.79 15.72
C ARG A 456 21.79 15.39 16.31
N SER A 457 20.87 15.27 17.27
CA SER A 457 20.58 13.99 17.92
C SER A 457 19.92 13.00 16.97
N LEU A 458 19.23 13.51 15.95
CA LEU A 458 18.58 12.68 14.94
C LEU A 458 19.47 12.44 13.72
N TYR A 459 20.37 13.38 13.44
CA TYR A 459 21.33 13.22 12.34
C TYR A 459 22.35 12.14 12.68
N LEU A 460 22.93 12.22 13.88
CA LEU A 460 23.92 11.25 14.35
C LEU A 460 23.33 9.84 14.50
N ARG A 461 22.04 9.77 14.82
CA ARG A 461 21.32 8.49 14.86
C ARG A 461 21.14 7.91 13.45
N TRP A 462 20.78 8.78 12.50
CA TRP A 462 20.57 8.36 11.12
C TRP A 462 21.86 7.84 10.46
N VAL A 463 22.98 8.47 10.78
CA VAL A 463 24.29 8.07 10.25
C VAL A 463 24.67 6.66 10.70
N ASN A 464 24.34 6.33 11.95
CA ASN A 464 24.56 4.98 12.48
C ASN A 464 23.60 3.95 11.88
N ALA A 465 22.43 4.42 11.45
CA ALA A 465 21.40 3.56 10.89
C ALA A 465 21.72 3.09 9.46
N VAL A 466 22.08 4.04 8.59
CA VAL A 466 22.41 3.76 7.20
C VAL A 466 23.61 2.81 7.08
N CYS A 467 24.67 3.11 7.81
CA CYS A 467 25.86 2.25 7.90
C CYS A 467 26.46 2.40 9.28
N GLY A 468 26.54 1.29 10.00
CA GLY A 468 27.10 1.26 11.37
C GLY A 468 28.56 1.71 11.42
N ASP A 469 29.25 1.58 10.29
CA ASP A 469 30.64 2.01 10.16
C ASP A 469 30.74 3.51 9.88
N ALA A 470 29.76 4.05 9.15
CA ALA A 470 29.75 5.45 8.72
C ALA A 470 29.90 6.44 9.88
N ALA A 471 29.29 6.12 11.02
CA ALA A 471 29.40 6.96 12.22
C ALA A 471 30.73 6.74 12.93
N ALA A 472 31.21 5.49 12.93
CA ALA A 472 32.45 5.12 13.60
C ALA A 472 33.69 5.62 12.84
N LEU A 473 33.59 5.68 11.52
CA LEU A 473 34.69 6.14 10.67
C LEU A 473 34.92 7.65 10.75
N GLU A 474 33.86 8.38 11.08
CA GLU A 474 33.93 9.84 11.20
C GLU A 474 34.19 10.24 12.65
N GLY B 1 -2.94 16.93 -10.31
CA GLY B 1 -2.88 15.62 -9.60
C GLY B 1 -4.16 14.82 -9.74
N PRO B 2 -4.03 13.51 -10.07
CA PRO B 2 -5.18 12.63 -10.25
C PRO B 2 -5.73 12.11 -8.91
N TYR B 3 -5.65 10.79 -8.70
CA TYR B 3 -6.07 10.18 -7.44
C TYR B 3 -4.89 10.13 -6.49
N ALA B 4 -3.69 10.12 -7.05
CA ALA B 4 -2.46 10.08 -6.25
C ALA B 4 -2.31 11.32 -5.37
N GLY B 5 -2.48 11.12 -4.07
CA GLY B 5 -2.41 12.20 -3.09
C GLY B 5 -1.02 12.36 -2.48
N PRO B 6 -0.63 13.62 -2.19
CA PRO B 6 0.69 13.95 -1.64
C PRO B 6 0.93 13.41 -0.24
N LEU B 7 -0.04 13.59 0.66
CA LEU B 7 0.15 13.19 2.06
C LEU B 7 -0.91 12.20 2.55
N GLU B 8 -0.51 10.93 2.68
CA GLU B 8 -1.35 9.89 3.25
C GLU B 8 -0.52 8.87 4.03
N ARG B 9 0.12 7.95 3.31
CA ARG B 9 0.78 6.79 3.92
C ARG B 9 2.23 6.56 3.53
N GLN B 10 3.00 6.17 4.53
CA GLN B 10 4.34 5.62 4.33
C GLN B 10 4.25 4.18 4.85
N ARG B 11 4.74 3.22 4.05
CA ARG B 11 4.84 1.83 4.52
C ARG B 11 3.48 1.35 5.08
N PRO B 12 3.47 0.31 5.96
CA PRO B 12 2.35 0.21 6.88
C PRO B 12 2.73 0.83 8.23
N LEU B 13 3.71 0.22 8.90
CA LEU B 13 4.31 0.75 10.12
C LEU B 13 5.78 0.30 10.22
N LYS B 14 6.34 0.28 11.42
CA LYS B 14 7.73 -0.11 11.63
C LYS B 14 7.95 -1.62 11.59
N VAL B 15 9.11 -2.03 11.08
CA VAL B 15 9.47 -3.46 11.01
C VAL B 15 9.86 -3.98 12.39
#